data_9LMM
#
_entry.id   9LMM
#
_cell.length_a   49.450
_cell.length_b   59.840
_cell.length_c   78.710
_cell.angle_alpha   90.000
_cell.angle_beta   90.000
_cell.angle_gamma   90.000
#
_symmetry.space_group_name_H-M   'P 21 21 21'
#
loop_
_entity.id
_entity.type
_entity.pdbx_description
1 polymer 'Antibiotic biosynthesis monooxygenase'
2 water water
#
_entity_poly.entity_id   1
_entity_poly.type   'polypeptide(L)'
_entity_poly.pdbx_seq_one_letter_code
;MSPAAGEHLRILFLVRVEDGGEEDFRTAYEQIRWTVAAADGHIADQLCQSTVDPHEWLITSEWESAGHYTAWARHEGHRD
LAAPIVATTSSRIHKPFAVRSRTVGGPAGHGRP
;
_entity_poly.pdbx_strand_id   A,B
#
# COMPACT_ATOMS: atom_id res chain seq x y z
N HIS A 8 14.65 0.83 -3.58
CA HIS A 8 13.82 0.34 -2.47
C HIS A 8 12.71 -0.58 -2.95
N LEU A 9 12.36 -1.54 -2.09
CA LEU A 9 11.29 -2.49 -2.34
C LEU A 9 10.08 -2.10 -1.49
N ARG A 10 8.89 -2.12 -2.11
CA ARG A 10 7.65 -1.98 -1.37
C ARG A 10 6.87 -3.28 -1.58
N ILE A 11 6.52 -3.97 -0.49
CA ILE A 11 5.74 -5.20 -0.53
C ILE A 11 4.29 -4.87 -0.19
N LEU A 12 3.35 -5.39 -0.99
CA LEU A 12 1.95 -5.43 -0.61
C LEU A 12 1.60 -6.87 -0.31
N PHE A 13 1.11 -7.14 0.90
CA PHE A 13 0.57 -8.45 1.29
C PHE A 13 -0.92 -8.22 1.52
N LEU A 14 -1.73 -8.60 0.54
CA LEU A 14 -3.17 -8.36 0.59
C LEU A 14 -3.88 -9.63 1.01
N VAL A 15 -4.75 -9.53 2.01
CA VAL A 15 -5.40 -10.72 2.56
C VAL A 15 -6.89 -10.49 2.71
N ARG A 16 -7.62 -11.58 2.87
CA ARG A 16 -9.01 -11.52 3.32
C ARG A 16 -9.09 -12.18 4.68
N VAL A 17 -9.76 -11.51 5.62
CA VAL A 17 -9.97 -11.99 6.97
C VAL A 17 -11.46 -12.23 7.15
N GLU A 18 -11.82 -13.39 7.68
CA GLU A 18 -13.23 -13.71 7.86
C GLU A 18 -13.78 -13.08 9.15
N ASP A 19 -15.11 -13.08 9.26
CA ASP A 19 -15.78 -12.50 10.43
C ASP A 19 -15.20 -13.05 11.72
N GLY A 20 -14.96 -12.15 12.67
CA GLY A 20 -14.42 -12.51 13.97
C GLY A 20 -12.94 -12.77 13.99
N GLY A 21 -12.25 -12.65 12.85
CA GLY A 21 -10.84 -12.97 12.77
C GLY A 21 -9.88 -11.84 13.07
N GLU A 22 -10.37 -10.64 13.41
CA GLU A 22 -9.47 -9.50 13.57
C GLU A 22 -8.46 -9.74 14.68
N GLU A 23 -8.92 -10.20 15.84
CA GLU A 23 -8.05 -10.31 17.01
C GLU A 23 -6.84 -11.20 16.71
N ASP A 24 -7.09 -12.39 16.18
CA ASP A 24 -5.99 -13.32 15.92
C ASP A 24 -5.14 -12.88 14.74
N PHE A 25 -5.75 -12.24 13.73
CA PHE A 25 -4.95 -11.75 12.61
C PHE A 25 -4.03 -10.62 13.07
N ARG A 26 -4.53 -9.72 13.91
CA ARG A 26 -3.66 -8.65 14.40
C ARG A 26 -2.51 -9.22 15.21
N THR A 27 -2.78 -10.23 16.04
CA THR A 27 -1.71 -10.84 16.81
C THR A 27 -0.65 -11.44 15.90
N ALA A 28 -1.10 -12.12 14.83
CA ALA A 28 -0.19 -12.68 13.85
C ALA A 28 0.67 -11.59 13.20
N TYR A 29 0.07 -10.46 12.85
CA TYR A 29 0.85 -9.33 12.33
C TYR A 29 1.89 -8.87 13.34
N GLU A 30 1.48 -8.67 14.58
CA GLU A 30 2.40 -8.10 15.57
C GLU A 30 3.62 -9.01 15.77
N GLN A 31 3.43 -10.33 15.70
CA GLN A 31 4.58 -11.24 15.84
C GLN A 31 5.52 -11.12 14.65
N ILE A 32 4.97 -10.95 13.44
CA ILE A 32 5.80 -10.67 12.27
C ILE A 32 6.52 -9.33 12.44
N ARG A 33 5.77 -8.32 12.88
CA ARG A 33 6.34 -6.98 13.02
C ARG A 33 7.54 -7.00 13.97
N TRP A 34 7.44 -7.75 15.06
CA TRP A 34 8.54 -7.88 16.00
C TRP A 34 9.84 -8.28 15.30
N THR A 35 9.75 -9.24 14.38
CA THR A 35 10.95 -9.76 13.74
C THR A 35 11.47 -8.86 12.62
N VAL A 36 10.61 -8.06 11.99
CA VAL A 36 11.14 -7.18 10.95
C VAL A 36 11.64 -5.86 11.52
N ALA A 37 11.22 -5.48 12.72
CA ALA A 37 11.76 -4.28 13.35
C ALA A 37 13.27 -4.37 13.53
N ALA A 38 13.79 -5.58 13.71
CA ALA A 38 15.21 -5.83 13.94
C ALA A 38 15.96 -6.16 12.66
N ALA A 39 15.29 -6.20 11.52
CA ALA A 39 15.88 -6.74 10.30
C ALA A 39 16.71 -5.68 9.59
N ASP A 40 17.93 -6.07 9.19
CA ASP A 40 18.76 -5.17 8.39
C ASP A 40 18.00 -4.75 7.14
N GLY A 41 17.94 -3.44 6.89
CA GLY A 41 17.31 -2.91 5.70
C GLY A 41 15.82 -2.69 5.81
N HIS A 42 15.19 -3.05 6.92
CA HIS A 42 13.77 -2.72 7.10
C HIS A 42 13.62 -1.22 7.28
N ILE A 43 12.69 -0.64 6.55
CA ILE A 43 12.42 0.79 6.59
C ILE A 43 11.14 1.10 7.36
N ALA A 44 10.04 0.43 7.01
CA ALA A 44 8.76 0.70 7.65
C ALA A 44 7.84 -0.47 7.35
N ASP A 45 6.82 -0.64 8.20
CA ASP A 45 5.75 -1.58 7.90
C ASP A 45 4.47 -1.12 8.58
N GLN A 46 3.33 -1.50 8.00
CA GLN A 46 2.04 -1.08 8.52
C GLN A 46 1.01 -2.17 8.29
N LEU A 47 0.06 -2.27 9.21
CA LEU A 47 -1.13 -3.11 9.09
C LEU A 47 -2.33 -2.21 8.85
N CYS A 48 -3.13 -2.50 7.81
CA CYS A 48 -4.22 -1.63 7.42
C CYS A 48 -5.47 -2.45 7.11
N GLN A 49 -6.63 -1.82 7.29
CA GLN A 49 -7.93 -2.46 7.02
C GLN A 49 -8.70 -1.57 6.04
N SER A 50 -9.27 -2.18 5.00
CA SER A 50 -10.02 -1.43 4.01
C SER A 50 -11.13 -0.63 4.67
N THR A 51 -11.30 0.62 4.25
CA THR A 51 -12.41 1.41 4.72
C THR A 51 -13.68 1.13 3.93
N VAL A 52 -13.64 0.24 2.94
CA VAL A 52 -14.78 -0.08 2.10
C VAL A 52 -15.27 -1.51 2.33
N ASP A 53 -14.37 -2.48 2.23
CA ASP A 53 -14.71 -3.87 2.55
C ASP A 53 -13.91 -4.30 3.77
N PRO A 54 -14.52 -4.42 4.96
CA PRO A 54 -13.72 -4.65 6.19
C PRO A 54 -13.04 -5.99 6.24
N HIS A 55 -13.39 -6.91 5.33
CA HIS A 55 -12.67 -8.19 5.24
C HIS A 55 -11.32 -8.05 4.59
N GLU A 56 -11.06 -6.97 3.86
CA GLU A 56 -9.83 -6.82 3.09
C GLU A 56 -8.81 -6.10 3.95
N TRP A 57 -7.67 -6.73 4.19
CA TRP A 57 -6.61 -6.12 5.00
C TRP A 57 -5.31 -6.12 4.20
N LEU A 58 -4.37 -5.27 4.65
CA LEU A 58 -3.11 -5.07 3.96
C LEU A 58 -2.00 -5.06 5.01
N ILE A 59 -0.99 -5.89 4.80
CA ILE A 59 0.30 -5.72 5.45
C ILE A 59 1.25 -5.19 4.39
N THR A 60 1.88 -4.05 4.65
CA THR A 60 2.78 -3.49 3.66
C THR A 60 4.07 -3.13 4.36
N SER A 61 5.19 -3.30 3.66
CA SER A 61 6.48 -2.96 4.24
C SER A 61 7.37 -2.38 3.15
N GLU A 62 8.35 -1.59 3.59
CA GLU A 62 9.35 -1.00 2.71
C GLU A 62 10.72 -1.42 3.18
N TRP A 63 11.60 -1.74 2.23
CA TRP A 63 12.94 -2.28 2.47
C TRP A 63 13.96 -1.55 1.60
N GLU A 64 15.19 -1.48 2.12
CA GLU A 64 16.31 -0.89 1.40
C GLU A 64 16.49 -1.51 0.02
N SER A 65 16.27 -2.81 -0.10
CA SER A 65 16.39 -3.51 -1.37
C SER A 65 15.61 -4.81 -1.24
N ALA A 66 15.30 -5.39 -2.40
CA ALA A 66 14.65 -6.70 -2.37
C ALA A 66 15.52 -7.74 -1.68
N GLY A 67 16.86 -7.60 -1.79
CA GLY A 67 17.75 -8.53 -1.12
C GLY A 67 17.64 -8.50 0.40
N HIS A 68 17.34 -7.33 0.98
CA HIS A 68 17.16 -7.27 2.43
C HIS A 68 15.87 -7.97 2.85
N TYR A 69 14.81 -7.80 2.06
CA TYR A 69 13.58 -8.52 2.37
C TYR A 69 13.81 -10.02 2.30
N THR A 70 14.46 -10.47 1.24
CA THR A 70 14.67 -11.90 1.04
C THR A 70 15.50 -12.50 2.18
N ALA A 71 16.52 -11.75 2.64
CA ALA A 71 17.29 -12.19 3.79
C ALA A 71 16.42 -12.40 5.02
N TRP A 72 15.53 -11.44 5.30
CA TRP A 72 14.59 -11.62 6.40
C TRP A 72 13.72 -12.84 6.19
N ALA A 73 13.14 -12.99 4.99
CA ALA A 73 12.18 -14.07 4.76
C ALA A 73 12.87 -15.42 4.91
N ARG A 74 14.15 -15.49 4.54
CA ARG A 74 15.00 -16.68 4.66
C ARG A 74 15.64 -16.81 6.04
N HIS A 75 14.92 -16.47 7.09
CA HIS A 75 15.46 -16.54 8.47
C HIS A 75 14.62 -17.56 9.24
N GLU A 76 15.24 -18.30 10.15
CA GLU A 76 14.53 -19.38 10.90
C GLU A 76 13.42 -18.86 11.82
N GLY A 77 12.42 -19.71 12.07
CA GLY A 77 11.35 -19.35 13.02
C GLY A 77 10.08 -18.94 12.32
N HIS A 78 10.13 -18.84 10.99
CA HIS A 78 8.95 -18.37 10.28
C HIS A 78 7.86 -19.42 10.25
N ARG A 79 8.14 -20.62 10.77
CA ARG A 79 7.12 -21.67 10.84
C ARG A 79 5.96 -21.21 11.70
N ASP A 80 6.27 -20.77 12.92
CA ASP A 80 5.23 -20.18 13.75
C ASP A 80 4.89 -18.76 13.34
N LEU A 81 5.51 -18.21 12.29
CA LEU A 81 5.04 -16.94 11.75
C LEU A 81 4.05 -17.13 10.61
N ALA A 82 4.29 -18.10 9.74
CA ALA A 82 3.40 -18.31 8.60
C ALA A 82 2.15 -19.08 9.01
N ALA A 83 2.30 -20.07 9.91
CA ALA A 83 1.13 -20.85 10.32
C ALA A 83 -0.01 -19.99 10.85
N PRO A 84 0.21 -19.05 11.77
CA PRO A 84 -0.91 -18.21 12.21
C PRO A 84 -1.49 -17.34 11.12
N ILE A 85 -0.67 -16.89 10.16
CA ILE A 85 -1.20 -16.14 9.03
C ILE A 85 -2.15 -16.99 8.20
N VAL A 86 -1.77 -18.24 7.91
CA VAL A 86 -2.66 -19.12 7.14
C VAL A 86 -3.95 -19.38 7.92
N ALA A 87 -3.83 -19.53 9.24
CA ALA A 87 -5.00 -19.88 10.04
C ALA A 87 -6.00 -18.74 10.16
N THR A 88 -5.56 -17.49 10.02
CA THR A 88 -6.41 -16.32 10.23
C THR A 88 -6.81 -15.61 8.95
N THR A 89 -6.43 -16.13 7.78
CA THR A 89 -6.80 -15.49 6.51
C THR A 89 -7.34 -16.53 5.54
N SER A 90 -8.26 -16.08 4.67
CA SER A 90 -8.84 -16.96 3.67
C SER A 90 -8.28 -16.73 2.27
N SER A 91 -7.45 -15.70 2.09
CA SER A 91 -6.87 -15.36 0.81
C SER A 91 -5.57 -14.61 1.10
N ARG A 92 -4.53 -14.86 0.30
CA ARG A 92 -3.23 -14.25 0.55
C ARG A 92 -2.53 -13.96 -0.77
N ILE A 93 -2.25 -12.68 -1.04
CA ILE A 93 -1.64 -12.21 -2.27
C ILE A 93 -0.38 -11.43 -1.90
N HIS A 94 0.75 -11.73 -2.54
CA HIS A 94 2.01 -11.02 -2.35
C HIS A 94 2.39 -10.30 -3.63
N LYS A 95 2.59 -8.98 -3.56
CA LYS A 95 2.93 -8.19 -4.76
C LYS A 95 4.15 -7.32 -4.46
N PRO A 96 5.27 -7.51 -5.17
CA PRO A 96 6.44 -6.66 -4.97
C PRO A 96 6.51 -5.50 -5.95
N PHE A 97 7.00 -4.36 -5.45
CA PHE A 97 7.13 -3.13 -6.24
C PHE A 97 8.50 -2.51 -6.00
N ALA A 98 9.03 -1.85 -7.03
CA ALA A 98 10.21 -1.01 -6.89
C ALA A 98 9.79 0.44 -6.69
N VAL A 99 10.37 1.11 -5.69
CA VAL A 99 10.03 2.50 -5.46
C VAL A 99 10.67 3.34 -6.55
N ARG A 100 9.88 4.17 -7.21
CA ARG A 100 10.38 5.02 -8.28
C ARG A 100 10.42 6.48 -7.82
N GLY B 6 -9.10 9.11 14.06
CA GLY B 6 -7.76 9.26 14.58
C GLY B 6 -6.72 8.48 13.78
N GLU B 7 -7.10 7.31 13.27
CA GLU B 7 -6.17 6.49 12.52
C GLU B 7 -5.85 7.13 11.17
N HIS B 8 -4.59 7.04 10.77
CA HIS B 8 -4.18 7.51 9.45
C HIS B 8 -4.88 6.70 8.36
N LEU B 9 -4.90 7.27 7.16
CA LEU B 9 -5.45 6.62 5.98
C LEU B 9 -4.32 6.39 4.99
N ARG B 10 -4.23 5.16 4.49
CA ARG B 10 -3.30 4.80 3.43
C ARG B 10 -4.12 4.45 2.20
N ILE B 11 -3.86 5.13 1.09
CA ILE B 11 -4.55 4.88 -0.17
C ILE B 11 -3.63 4.11 -1.09
N LEU B 12 -4.15 3.04 -1.70
CA LEU B 12 -3.48 2.35 -2.79
C LEU B 12 -4.18 2.71 -4.09
N PHE B 13 -3.45 3.26 -5.05
CA PHE B 13 -3.97 3.53 -6.38
C PHE B 13 -3.20 2.63 -7.34
N LEU B 14 -3.81 1.50 -7.72
CA LEU B 14 -3.15 0.51 -8.56
C LEU B 14 -3.58 0.74 -9.99
N VAL B 15 -2.61 0.95 -10.88
CA VAL B 15 -2.92 1.34 -12.26
C VAL B 15 -2.13 0.49 -13.24
N ARG B 16 -2.62 0.47 -14.48
CA ARG B 16 -1.90 -0.14 -15.58
C ARG B 16 -1.56 0.92 -16.60
N VAL B 17 -0.30 0.92 -17.06
CA VAL B 17 0.20 1.89 -18.04
C VAL B 17 0.62 1.12 -19.27
N GLU B 18 0.07 1.49 -20.43
CA GLU B 18 0.36 0.78 -21.67
C GLU B 18 1.69 1.24 -22.27
N ASP B 19 2.22 0.40 -23.16
CA ASP B 19 3.51 0.69 -23.78
C ASP B 19 3.54 2.09 -24.36
N GLY B 20 4.64 2.80 -24.11
CA GLY B 20 4.79 4.16 -24.54
C GLY B 20 4.19 5.21 -23.62
N GLY B 21 3.45 4.80 -22.60
CA GLY B 21 2.76 5.74 -21.75
C GLY B 21 3.47 6.12 -20.46
N GLU B 22 4.67 5.60 -20.22
CA GLU B 22 5.28 5.82 -18.90
C GLU B 22 5.62 7.28 -18.68
N GLU B 23 6.12 7.97 -19.71
CA GLU B 23 6.53 9.37 -19.54
C GLU B 23 5.34 10.25 -19.16
N ASP B 24 4.22 10.11 -19.88
CA ASP B 24 3.04 10.91 -19.55
C ASP B 24 2.46 10.52 -18.19
N PHE B 25 2.59 9.26 -17.80
CA PHE B 25 2.12 8.84 -16.49
C PHE B 25 2.97 9.45 -15.38
N ARG B 26 4.29 9.47 -15.56
CA ARG B 26 5.15 10.05 -14.54
C ARG B 26 4.89 11.54 -14.40
N THR B 27 4.58 12.21 -15.51
CA THR B 27 4.17 13.62 -15.45
C THR B 27 2.87 13.78 -14.67
N ALA B 28 1.90 12.86 -14.89
CA ALA B 28 0.64 12.94 -14.18
C ALA B 28 0.83 12.75 -12.68
N TYR B 29 1.72 11.84 -12.27
CA TYR B 29 2.00 11.66 -10.84
C TYR B 29 2.54 12.95 -10.24
N GLU B 30 3.48 13.62 -10.92
CA GLU B 30 3.98 14.89 -10.39
C GLU B 30 2.86 15.93 -10.34
N GLN B 31 1.97 15.93 -11.34
CA GLN B 31 0.90 16.92 -11.40
C GLN B 31 -0.33 16.51 -10.59
N ILE B 32 -0.22 15.48 -9.76
CA ILE B 32 -1.09 15.35 -8.60
C ILE B 32 -0.36 15.63 -7.29
N ARG B 33 0.96 15.43 -7.24
CA ARG B 33 1.71 15.86 -6.07
C ARG B 33 1.55 17.36 -5.85
N TRP B 34 1.55 18.13 -6.93
CA TRP B 34 1.39 19.58 -6.79
C TRP B 34 0.05 19.92 -6.14
N THR B 35 -1.00 19.18 -6.49
CA THR B 35 -2.32 19.57 -5.99
C THR B 35 -2.57 19.18 -4.54
N VAL B 36 -1.86 18.17 -4.02
CA VAL B 36 -2.01 17.82 -2.60
C VAL B 36 -0.88 18.38 -1.75
N ALA B 37 0.04 19.13 -2.35
CA ALA B 37 1.25 19.53 -1.62
C ALA B 37 0.92 20.30 -0.34
N ALA B 38 -0.14 21.10 -0.36
CA ALA B 38 -0.56 21.85 0.82
C ALA B 38 -1.96 21.49 1.27
N ALA B 39 -2.42 20.27 0.97
CA ALA B 39 -3.74 19.85 1.41
C ALA B 39 -3.69 19.49 2.89
N ASP B 40 -4.67 19.99 3.65
CA ASP B 40 -4.69 19.74 5.09
C ASP B 40 -4.77 18.24 5.36
N GLY B 41 -3.81 17.74 6.14
CA GLY B 41 -3.78 16.34 6.51
C GLY B 41 -3.01 15.44 5.57
N HIS B 42 -2.56 15.95 4.42
CA HIS B 42 -1.75 15.11 3.52
C HIS B 42 -0.36 14.92 4.11
N ILE B 43 0.10 13.68 4.17
CA ILE B 43 1.40 13.40 4.78
C ILE B 43 2.46 13.10 3.72
N ALA B 44 2.23 12.11 2.86
CA ALA B 44 3.26 11.69 1.93
C ALA B 44 2.66 10.92 0.76
N ASP B 45 3.42 10.87 -0.33
CA ASP B 45 3.07 10.13 -1.54
C ASP B 45 4.27 9.31 -1.97
N GLN B 46 3.99 8.21 -2.67
CA GLN B 46 5.07 7.38 -3.19
C GLN B 46 4.62 6.76 -4.50
N LEU B 47 5.55 6.68 -5.46
CA LEU B 47 5.29 6.06 -6.76
C LEU B 47 6.09 4.78 -6.84
N CYS B 48 5.43 3.67 -7.20
CA CYS B 48 6.10 2.38 -7.33
C CYS B 48 5.70 1.69 -8.63
N GLN B 49 6.58 0.81 -9.10
CA GLN B 49 6.34 0.03 -10.30
C GLN B 49 6.52 -1.46 -9.99
N SER B 50 5.57 -2.27 -10.45
CA SER B 50 5.69 -3.71 -10.22
C SER B 50 7.01 -4.22 -10.79
N THR B 51 7.69 -5.08 -10.02
CA THR B 51 8.86 -5.78 -10.53
C THR B 51 8.48 -7.09 -11.23
N VAL B 52 7.20 -7.44 -11.27
CA VAL B 52 6.74 -8.64 -11.96
C VAL B 52 6.19 -8.26 -13.34
N ASP B 53 5.15 -7.43 -13.35
CA ASP B 53 4.56 -6.93 -14.59
C ASP B 53 4.90 -5.47 -14.74
N PRO B 54 5.81 -5.10 -15.64
CA PRO B 54 6.25 -3.69 -15.76
C PRO B 54 5.14 -2.72 -16.10
N HIS B 55 3.98 -3.19 -16.57
CA HIS B 55 2.86 -2.30 -16.86
C HIS B 55 2.09 -1.88 -15.62
N GLU B 56 2.30 -2.53 -14.48
CA GLU B 56 1.49 -2.26 -13.30
C GLU B 56 2.26 -1.29 -12.40
N TRP B 57 1.61 -0.19 -12.05
CA TRP B 57 2.19 0.81 -11.16
C TRP B 57 1.30 1.01 -9.95
N LEU B 58 1.87 1.64 -8.93
CA LEU B 58 1.16 1.90 -7.69
C LEU B 58 1.47 3.33 -7.27
N ILE B 59 0.43 4.11 -7.02
CA ILE B 59 0.54 5.40 -6.35
C ILE B 59 -0.03 5.19 -4.95
N THR B 60 0.77 5.47 -3.93
CA THR B 60 0.26 5.31 -2.58
C THR B 60 0.48 6.60 -1.81
N SER B 61 -0.49 6.93 -0.97
CA SER B 61 -0.57 8.22 -0.28
C SER B 61 -0.96 7.98 1.17
N GLU B 62 -0.44 8.80 2.08
CA GLU B 62 -0.85 8.68 3.47
C GLU B 62 -1.44 10.00 3.91
N TRP B 63 -2.56 9.91 4.63
CA TRP B 63 -3.28 11.06 5.17
C TRP B 63 -3.49 10.92 6.68
N GLU B 64 -3.59 12.06 7.36
CA GLU B 64 -3.73 12.06 8.81
C GLU B 64 -5.01 11.38 9.27
N SER B 65 -6.05 11.42 8.45
CA SER B 65 -7.31 10.77 8.78
C SER B 65 -8.14 10.63 7.51
N ALA B 66 -9.16 9.77 7.58
CA ALA B 66 -10.05 9.64 6.42
C ALA B 66 -10.84 10.92 6.19
N GLY B 67 -11.17 11.66 7.25
CA GLY B 67 -11.89 12.91 7.09
C GLY B 67 -11.06 13.97 6.39
N HIS B 68 -9.77 14.00 6.67
CA HIS B 68 -8.86 14.89 5.94
C HIS B 68 -8.87 14.57 4.46
N TYR B 69 -8.74 13.29 4.10
CA TYR B 69 -8.74 12.91 2.69
C TYR B 69 -10.08 13.21 2.04
N THR B 70 -11.18 12.97 2.76
CA THR B 70 -12.51 13.18 2.20
C THR B 70 -12.77 14.65 1.91
N ALA B 71 -12.38 15.54 2.81
CA ALA B 71 -12.56 16.98 2.59
C ALA B 71 -11.80 17.44 1.36
N TRP B 72 -10.61 16.89 1.13
CA TRP B 72 -9.87 17.22 -0.08
C TRP B 72 -10.54 16.63 -1.32
N ALA B 73 -11.12 15.45 -1.19
CA ALA B 73 -11.75 14.79 -2.33
C ALA B 73 -13.11 15.40 -2.66
N ARG B 74 -13.94 15.62 -1.63
CA ARG B 74 -15.28 16.16 -1.84
C ARG B 74 -15.28 17.61 -2.30
N HIS B 75 -14.13 18.25 -2.42
CA HIS B 75 -14.08 19.60 -2.96
C HIS B 75 -14.13 19.56 -4.48
N GLU B 76 -14.57 20.68 -5.07
CA GLU B 76 -15.07 20.65 -6.45
C GLU B 76 -13.96 20.52 -7.49
N GLY B 77 -12.79 21.11 -7.25
CA GLY B 77 -11.76 21.15 -8.26
C GLY B 77 -10.81 19.96 -8.25
N HIS B 78 -11.33 18.80 -7.84
CA HIS B 78 -10.53 17.60 -7.67
C HIS B 78 -10.75 16.53 -8.74
N ARG B 79 -11.93 16.46 -9.35
CA ARG B 79 -12.13 15.46 -10.40
C ARG B 79 -11.50 15.87 -11.72
N ASP B 80 -10.96 17.09 -11.82
CA ASP B 80 -10.06 17.51 -12.88
C ASP B 80 -8.62 17.13 -12.60
N LEU B 81 -8.40 16.13 -11.76
CA LEU B 81 -7.06 15.82 -11.26
C LEU B 81 -6.72 14.33 -11.25
N ALA B 82 -7.62 13.46 -10.82
CA ALA B 82 -7.48 12.06 -11.17
C ALA B 82 -7.55 11.89 -12.68
N ALA B 83 -8.16 12.86 -13.36
CA ALA B 83 -8.27 12.79 -14.82
C ALA B 83 -6.92 12.72 -15.52
N PRO B 84 -5.88 13.46 -15.13
CA PRO B 84 -4.56 13.18 -15.72
C PRO B 84 -4.06 11.77 -15.44
N ILE B 85 -4.35 11.20 -14.28
CA ILE B 85 -4.05 9.79 -14.08
C ILE B 85 -4.98 8.93 -14.92
N VAL B 86 -6.27 9.26 -14.92
CA VAL B 86 -7.24 8.54 -15.75
C VAL B 86 -6.82 8.61 -17.23
N ALA B 87 -6.29 9.75 -17.65
CA ALA B 87 -5.92 9.94 -19.05
C ALA B 87 -4.57 9.33 -19.41
N THR B 88 -3.81 8.78 -18.45
CA THR B 88 -2.52 8.17 -18.74
C THR B 88 -2.49 6.67 -18.40
N THR B 89 -3.62 6.09 -18.01
CA THR B 89 -3.66 4.68 -17.62
C THR B 89 -4.84 4.01 -18.31
N SER B 90 -4.71 2.71 -18.59
CA SER B 90 -5.80 1.97 -19.21
C SER B 90 -6.78 1.40 -18.19
N SER B 91 -6.36 1.18 -16.94
CA SER B 91 -7.30 0.78 -15.89
C SER B 91 -6.72 1.19 -14.54
N ARG B 92 -7.62 1.31 -13.57
CA ARG B 92 -7.30 1.88 -12.27
C ARG B 92 -8.19 1.24 -11.22
N ILE B 93 -7.63 1.06 -10.02
CA ILE B 93 -8.38 0.60 -8.86
C ILE B 93 -7.92 1.43 -7.67
N HIS B 94 -8.86 2.10 -7.01
CA HIS B 94 -8.60 2.98 -5.88
C HIS B 94 -9.02 2.28 -4.59
N LYS B 95 -8.06 1.96 -3.73
CA LYS B 95 -8.33 1.20 -2.50
C LYS B 95 -7.88 2.00 -1.28
N PRO B 96 -8.80 2.55 -0.48
CA PRO B 96 -8.40 3.24 0.75
C PRO B 96 -8.38 2.29 1.94
N PHE B 97 -7.41 2.51 2.84
CA PHE B 97 -7.23 1.69 4.04
C PHE B 97 -7.03 2.55 5.27
N ALA B 98 -7.58 2.10 6.39
CA ALA B 98 -7.27 2.70 7.70
C ALA B 98 -6.06 1.98 8.31
N VAL B 99 -5.10 2.76 8.78
CA VAL B 99 -3.92 2.18 9.42
C VAL B 99 -4.27 1.71 10.83
N ARG B 100 -4.16 0.39 11.07
CA ARG B 100 -4.54 -0.22 12.34
C ARG B 100 -3.36 -0.44 13.28
N SER B 101 -2.17 -0.69 12.74
CA SER B 101 -0.94 -0.80 13.54
C SER B 101 0.28 -0.63 12.65
#